data_6RRO
#
_entry.id   6RRO
#
_cell.length_a   1.000
_cell.length_b   1.000
_cell.length_c   1.000
_cell.angle_alpha   90.00
_cell.angle_beta   90.00
_cell.angle_gamma   90.00
#
_symmetry.space_group_name_H-M   'P 1'
#
_entity_poly.entity_id   1
_entity_poly.type   'polypeptide(L)'
_entity_poly.pdbx_seq_one_letter_code
;GFIVKRFKILV
;
_entity_poly.pdbx_strand_id   A
#
# COMPACT_ATOMS: atom_id res chain seq x y z
N GLY A 1 9.02 -3.84 2.12
CA GLY A 1 7.73 -3.39 2.61
C GLY A 1 7.12 -2.32 1.73
N PHE A 2 6.63 -2.72 0.56
CA PHE A 2 6.01 -1.79 -0.37
C PHE A 2 4.56 -2.17 -0.65
N ILE A 3 4.29 -3.47 -0.65
CA ILE A 3 2.93 -3.97 -0.91
C ILE A 3 1.92 -3.28 0.00
N VAL A 4 2.11 -3.42 1.31
CA VAL A 4 1.21 -2.81 2.28
C VAL A 4 1.04 -1.32 2.01
N LYS A 5 2.15 -0.65 1.70
CA LYS A 5 2.13 0.79 1.42
C LYS A 5 1.19 1.09 0.25
N ARG A 6 1.40 0.40 -0.87
CA ARG A 6 0.57 0.60 -2.05
C ARG A 6 -0.92 0.47 -1.71
N PHE A 7 -1.27 -0.63 -1.05
CA PHE A 7 -2.66 -0.88 -0.68
C PHE A 7 -3.24 0.32 0.07
N LYS A 8 -2.59 0.68 1.17
CA LYS A 8 -3.03 1.82 1.99
C LYS A 8 -3.24 3.06 1.11
N ILE A 9 -2.39 3.21 0.11
CA ILE A 9 -2.49 4.35 -0.80
C ILE A 9 -3.65 4.19 -1.77
N LEU A 10 -3.93 2.96 -2.16
CA LEU A 10 -5.02 2.68 -3.08
C LEU A 10 -6.37 2.82 -2.39
N VAL A 11 -6.41 2.51 -1.10
CA VAL A 11 -7.63 2.61 -0.32
C VAL A 11 -7.75 3.98 0.35
N GLY A 1 6.05 -2.26 3.35
CA GLY A 1 7.18 -1.65 2.69
C GLY A 1 6.92 -1.41 1.21
N PHE A 2 6.42 -2.44 0.52
CA PHE A 2 6.14 -2.33 -0.90
C PHE A 2 4.66 -2.61 -1.18
N ILE A 3 4.24 -3.84 -0.91
CA ILE A 3 2.85 -4.23 -1.14
C ILE A 3 1.92 -3.55 -0.15
N VAL A 4 2.15 -3.78 1.13
CA VAL A 4 1.33 -3.17 2.18
C VAL A 4 1.22 -1.67 2.00
N LYS A 5 2.31 -1.06 1.53
CA LYS A 5 2.35 0.38 1.31
C LYS A 5 1.36 0.78 0.22
N ARG A 6 1.50 0.19 -0.95
CA ARG A 6 0.62 0.48 -2.08
C ARG A 6 -0.85 0.35 -1.66
N PHE A 7 -1.19 -0.76 -1.02
CA PHE A 7 -2.55 -1.00 -0.58
C PHE A 7 -3.08 0.19 0.22
N LYS A 8 -2.35 0.56 1.26
CA LYS A 8 -2.74 1.68 2.11
C LYS A 8 -2.97 2.94 1.28
N ILE A 9 -2.16 3.11 0.24
CA ILE A 9 -2.28 4.27 -0.64
C ILE A 9 -3.55 4.20 -1.46
N LEU A 10 -3.73 3.10 -2.18
CA LEU A 10 -4.91 2.90 -3.02
C LEU A 10 -6.19 3.15 -2.23
N VAL A 11 -6.28 2.54 -1.05
CA VAL A 11 -7.45 2.71 -0.19
C VAL A 11 -7.53 4.12 0.36
N GLY A 1 8.37 -3.21 3.60
CA GLY A 1 7.96 -3.80 2.34
C GLY A 1 7.55 -2.75 1.32
N PHE A 2 6.51 -3.05 0.54
CA PHE A 2 6.03 -2.14 -0.47
C PHE A 2 4.53 -2.33 -0.71
N ILE A 3 4.09 -3.57 -0.75
CA ILE A 3 2.69 -3.89 -0.96
C ILE A 3 1.80 -3.13 0.00
N VAL A 4 2.07 -3.27 1.29
CA VAL A 4 1.31 -2.60 2.33
C VAL A 4 1.21 -1.10 2.05
N LYS A 5 2.29 -0.54 1.50
CA LYS A 5 2.34 0.88 1.19
C LYS A 5 1.31 1.23 0.11
N ARG A 6 1.48 0.61 -1.05
CA ARG A 6 0.57 0.86 -2.18
C ARG A 6 -0.87 0.60 -1.77
N PHE A 7 -1.11 -0.56 -1.16
CA PHE A 7 -2.46 -0.94 -0.73
C PHE A 7 -3.09 0.18 0.10
N LYS A 8 -2.38 0.63 1.13
CA LYS A 8 -2.86 1.69 2.00
C LYS A 8 -3.21 2.94 1.19
N ILE A 9 -2.43 3.20 0.16
CA ILE A 9 -2.65 4.36 -0.70
C ILE A 9 -3.92 4.20 -1.53
N LEU A 10 -4.01 3.08 -2.24
CA LEU A 10 -5.18 2.80 -3.08
C LEU A 10 -6.47 2.95 -2.28
N VAL A 11 -6.51 2.33 -1.11
CA VAL A 11 -7.67 2.40 -0.24
C VAL A 11 -7.84 3.79 0.35
N GLY A 1 8.53 0.12 -0.22
CA GLY A 1 7.37 -0.19 -1.01
C GLY A 1 6.73 -1.52 -0.64
N PHE A 2 6.31 -1.62 0.62
CA PHE A 2 5.68 -2.84 1.11
C PHE A 2 4.30 -3.04 0.49
N ILE A 3 3.94 -4.29 0.26
CA ILE A 3 2.63 -4.61 -0.33
C ILE A 3 1.50 -3.93 0.44
N VAL A 4 1.40 -4.25 1.72
CA VAL A 4 0.37 -3.68 2.58
C VAL A 4 0.40 -2.15 2.52
N LYS A 5 1.59 -1.60 2.44
CA LYS A 5 1.76 -0.14 2.37
C LYS A 5 1.13 0.42 1.10
N ARG A 6 1.54 -0.12 -0.05
CA ARG A 6 1.01 0.32 -1.33
C ARG A 6 -0.51 0.30 -1.34
N PHE A 7 -1.08 -0.83 -0.92
CA PHE A 7 -2.53 -0.98 -0.88
C PHE A 7 -3.18 0.17 -0.12
N LYS A 8 -2.78 0.36 1.13
CA LYS A 8 -3.32 1.42 1.96
C LYS A 8 -3.24 2.76 1.24
N ILE A 9 -2.19 2.95 0.45
CA ILE A 9 -2.00 4.19 -0.30
C ILE A 9 -2.94 4.26 -1.49
N LEU A 10 -3.17 3.10 -2.13
CA LEU A 10 -4.05 3.03 -3.29
C LEU A 10 -5.48 3.34 -2.90
N VAL A 11 -5.84 3.04 -1.65
CA VAL A 11 -7.18 3.30 -1.16
C VAL A 11 -7.26 4.64 -0.44
N GLY A 1 8.35 -3.56 2.86
CA GLY A 1 7.61 -2.32 2.80
C GLY A 1 7.38 -1.86 1.36
N PHE A 2 6.37 -2.45 0.72
CA PHE A 2 6.04 -2.11 -0.65
C PHE A 2 4.57 -2.40 -0.96
N ILE A 3 4.19 -3.66 -0.81
CA ILE A 3 2.82 -4.07 -1.06
C ILE A 3 1.85 -3.39 -0.10
N VAL A 4 2.08 -3.60 1.20
CA VAL A 4 1.23 -3.01 2.23
C VAL A 4 1.11 -1.51 2.03
N LYS A 5 2.19 -0.87 1.62
CA LYS A 5 2.19 0.57 1.39
C LYS A 5 1.25 0.95 0.25
N ARG A 6 1.45 0.33 -0.91
CA ARG A 6 0.61 0.61 -2.08
C ARG A 6 -0.87 0.46 -1.73
N PHE A 7 -1.20 -0.67 -1.10
CA PHE A 7 -2.58 -0.94 -0.72
C PHE A 7 -3.17 0.23 0.07
N LYS A 8 -2.52 0.58 1.18
CA LYS A 8 -2.97 1.68 2.03
C LYS A 8 -3.21 2.94 1.19
N ILE A 9 -2.36 3.14 0.17
CA ILE A 9 -2.47 4.30 -0.69
C ILE A 9 -3.66 4.16 -1.64
N LEU A 10 -3.89 2.94 -2.11
CA LEU A 10 -5.00 2.67 -3.03
C LEU A 10 -6.34 2.90 -2.34
N VAL A 11 -6.38 2.70 -1.03
CA VAL A 11 -7.60 2.89 -0.26
C VAL A 11 -7.66 4.29 0.34
N GLY A 1 8.33 -3.50 2.65
CA GLY A 1 6.89 -3.66 2.62
C GLY A 1 6.22 -2.72 1.63
N PHE A 2 6.74 -2.68 0.40
CA PHE A 2 6.18 -1.81 -0.63
C PHE A 2 4.72 -2.15 -0.89
N ILE A 3 4.37 -3.43 -0.77
CA ILE A 3 3.00 -3.87 -0.99
C ILE A 3 2.04 -3.19 -0.03
N VAL A 4 2.31 -3.30 1.26
CA VAL A 4 1.47 -2.70 2.28
C VAL A 4 1.26 -1.21 1.99
N LYS A 5 2.34 -0.52 1.67
CA LYS A 5 2.28 0.91 1.37
C LYS A 5 1.30 1.18 0.23
N ARG A 6 1.50 0.51 -0.90
CA ARG A 6 0.65 0.68 -2.06
C ARG A 6 -0.82 0.48 -1.68
N PHE A 7 -1.11 -0.63 -1.01
CA PHE A 7 -2.47 -0.94 -0.59
C PHE A 7 -3.10 0.24 0.15
N LYS A 8 -2.45 0.65 1.23
CA LYS A 8 -2.94 1.77 2.04
C LYS A 8 -3.23 2.98 1.16
N ILE A 9 -2.42 3.17 0.12
CA ILE A 9 -2.59 4.28 -0.79
C ILE A 9 -3.78 4.05 -1.72
N LEU A 10 -3.97 2.81 -2.14
CA LEU A 10 -5.07 2.46 -3.03
C LEU A 10 -6.41 2.66 -2.34
N VAL A 11 -6.42 2.52 -1.01
CA VAL A 11 -7.64 2.69 -0.23
C VAL A 11 -7.78 4.13 0.26
N GLY A 1 9.60 -3.76 -1.49
CA GLY A 1 8.93 -2.50 -1.16
C GLY A 1 7.98 -2.65 0.02
N PHE A 2 6.80 -2.06 -0.10
CA PHE A 2 5.80 -2.13 0.96
C PHE A 2 4.40 -2.33 0.39
N ILE A 3 3.87 -3.53 0.56
CA ILE A 3 2.54 -3.86 0.06
C ILE A 3 1.46 -3.24 0.94
N VAL A 4 1.58 -3.44 2.25
CA VAL A 4 0.63 -2.91 3.20
C VAL A 4 0.39 -1.42 2.97
N LYS A 5 1.48 -0.66 2.91
CA LYS A 5 1.39 0.78 2.69
C LYS A 5 0.83 1.09 1.30
N ARG A 6 1.39 0.44 0.29
CA ARG A 6 0.95 0.65 -1.09
C ARG A 6 -0.56 0.47 -1.20
N PHE A 7 -1.05 -0.69 -0.78
CA PHE A 7 -2.48 -0.99 -0.84
C PHE A 7 -3.29 0.12 -0.18
N LYS A 8 -2.99 0.39 1.09
CA LYS A 8 -3.69 1.43 1.84
C LYS A 8 -3.69 2.75 1.07
N ILE A 9 -2.60 3.02 0.36
CA ILE A 9 -2.49 4.25 -0.42
C ILE A 9 -3.33 4.18 -1.68
N LEU A 10 -3.39 3.00 -2.29
CA LEU A 10 -4.16 2.80 -3.51
C LEU A 10 -5.66 2.98 -3.24
N VAL A 11 -6.07 2.69 -2.01
CA VAL A 11 -7.47 2.81 -1.61
C VAL A 11 -7.74 4.17 -0.99
N GLY A 1 8.70 -2.49 -2.28
CA GLY A 1 8.76 -1.79 -1.01
C GLY A 1 7.87 -2.42 0.04
N PHE A 2 6.67 -1.86 0.21
CA PHE A 2 5.72 -2.37 1.18
C PHE A 2 4.36 -2.59 0.56
N ILE A 3 3.94 -3.85 0.47
CA ILE A 3 2.65 -4.20 -0.11
C ILE A 3 1.50 -3.64 0.72
N VAL A 4 1.70 -3.59 2.03
CA VAL A 4 0.69 -3.08 2.95
C VAL A 4 0.48 -1.58 2.75
N LYS A 5 1.55 -0.82 2.94
CA LYS A 5 1.49 0.63 2.79
C LYS A 5 0.94 1.01 1.41
N ARG A 6 1.25 0.19 0.41
CA ARG A 6 0.79 0.45 -0.95
C ARG A 6 -0.73 0.30 -1.04
N PHE A 7 -1.23 -0.86 -0.64
CA PHE A 7 -2.67 -1.12 -0.67
C PHE A 7 -3.44 -0.01 0.02
N LYS A 8 -2.92 0.46 1.15
CA LYS A 8 -3.56 1.52 1.91
C LYS A 8 -3.54 2.84 1.14
N ILE A 9 -2.46 3.07 0.41
CA ILE A 9 -2.32 4.29 -0.38
C ILE A 9 -3.24 4.27 -1.59
N LEU A 10 -3.17 3.18 -2.36
CA LEU A 10 -4.00 3.03 -3.55
C LEU A 10 -5.47 3.28 -3.22
N VAL A 11 -5.96 2.64 -2.16
CA VAL A 11 -7.35 2.80 -1.74
C VAL A 11 -7.58 4.18 -1.16
N GLY A 1 8.82 -4.06 3.05
CA GLY A 1 8.04 -4.47 1.88
C GLY A 1 7.73 -3.30 0.97
N PHE A 2 6.47 -3.19 0.57
CA PHE A 2 6.03 -2.11 -0.31
C PHE A 2 4.53 -2.19 -0.54
N ILE A 3 4.01 -3.40 -0.69
CA ILE A 3 2.58 -3.61 -0.93
C ILE A 3 1.74 -2.90 0.14
N VAL A 4 2.17 -3.02 1.39
CA VAL A 4 1.46 -2.40 2.49
C VAL A 4 1.24 -0.91 2.24
N LYS A 5 2.27 -0.25 1.73
CA LYS A 5 2.20 1.18 1.44
C LYS A 5 1.25 1.44 0.28
N ARG A 6 1.50 0.80 -0.86
CA ARG A 6 0.66 0.97 -2.04
C ARG A 6 -0.80 0.74 -1.70
N PHE A 7 -1.10 -0.41 -1.09
CA PHE A 7 -2.47 -0.74 -0.71
C PHE A 7 -3.10 0.38 0.09
N LYS A 8 -2.45 0.76 1.18
CA LYS A 8 -2.95 1.83 2.04
C LYS A 8 -3.28 3.08 1.23
N ILE A 9 -2.52 3.30 0.16
CA ILE A 9 -2.74 4.46 -0.70
C ILE A 9 -3.86 4.20 -1.70
N LEU A 10 -4.00 2.93 -2.10
CA LEU A 10 -5.04 2.55 -3.06
C LEU A 10 -6.41 2.56 -2.40
N VAL A 11 -6.47 2.10 -1.16
CA VAL A 11 -7.73 2.06 -0.41
C VAL A 11 -8.32 3.46 -0.25
N GLY A 1 8.73 0.27 -0.03
CA GLY A 1 7.69 -0.28 0.83
C GLY A 1 7.21 -1.65 0.37
N PHE A 2 6.15 -2.13 1.00
CA PHE A 2 5.59 -3.44 0.65
C PHE A 2 4.15 -3.30 0.15
N ILE A 3 3.55 -4.43 -0.20
CA ILE A 3 2.17 -4.45 -0.68
C ILE A 3 1.26 -3.68 0.25
N VAL A 4 1.30 -4.02 1.54
CA VAL A 4 0.47 -3.35 2.54
C VAL A 4 0.60 -1.84 2.44
N LYS A 5 1.79 -1.38 2.09
CA LYS A 5 2.04 0.06 1.95
C LYS A 5 1.33 0.63 0.73
N ARG A 6 1.62 0.07 -0.44
CA ARG A 6 1.01 0.52 -1.68
C ARG A 6 -0.52 0.43 -1.60
N PHE A 7 -1.00 -0.74 -1.22
CA PHE A 7 -2.45 -0.97 -1.11
C PHE A 7 -3.10 0.11 -0.24
N LYS A 8 -2.62 0.23 0.99
CA LYS A 8 -3.15 1.22 1.93
C LYS A 8 -3.18 2.60 1.28
N ILE A 9 -2.18 2.89 0.46
CA ILE A 9 -2.10 4.18 -0.21
C ILE A 9 -3.11 4.27 -1.34
N LEU A 10 -3.32 3.16 -2.05
CA LEU A 10 -4.25 3.12 -3.16
C LEU A 10 -5.68 3.35 -2.67
N VAL A 11 -5.94 2.94 -1.42
CA VAL A 11 -7.26 3.11 -0.83
C VAL A 11 -7.38 4.42 -0.08
N GLY A 1 9.19 -2.43 -1.65
CA GLY A 1 8.86 -3.61 -0.87
C GLY A 1 7.89 -3.31 0.25
N PHE A 2 6.83 -2.57 -0.05
CA PHE A 2 5.84 -2.21 0.95
C PHE A 2 4.42 -2.37 0.38
N ILE A 3 3.83 -3.55 0.61
CA ILE A 3 2.49 -3.82 0.13
C ILE A 3 1.44 -3.13 1.00
N VAL A 4 1.53 -3.35 2.30
CA VAL A 4 0.59 -2.74 3.24
C VAL A 4 0.47 -1.24 3.00
N LYS A 5 1.61 -0.59 2.75
CA LYS A 5 1.63 0.85 2.50
C LYS A 5 0.98 1.18 1.17
N ARG A 6 1.50 0.59 0.09
CA ARG A 6 0.96 0.81 -1.24
C ARG A 6 -0.54 0.60 -1.28
N PHE A 7 -0.98 -0.58 -0.84
CA PHE A 7 -2.39 -0.91 -0.81
C PHE A 7 -3.20 0.18 -0.11
N LYS A 8 -2.83 0.47 1.13
CA LYS A 8 -3.52 1.49 1.91
C LYS A 8 -3.61 2.80 1.13
N ILE A 9 -2.58 3.09 0.34
CA ILE A 9 -2.55 4.31 -0.46
C ILE A 9 -3.53 4.23 -1.62
N LEU A 10 -3.42 3.16 -2.41
CA LEU A 10 -4.29 2.96 -3.56
C LEU A 10 -5.76 3.08 -3.16
N VAL A 11 -6.13 2.38 -2.09
CA VAL A 11 -7.51 2.41 -1.60
C VAL A 11 -7.80 3.72 -0.87
N GLY A 1 8.31 -3.47 3.57
CA GLY A 1 7.74 -3.90 2.32
C GLY A 1 7.24 -2.74 1.48
N PHE A 2 6.63 -3.06 0.34
CA PHE A 2 6.11 -2.03 -0.55
C PHE A 2 4.62 -2.23 -0.81
N ILE A 3 4.21 -3.49 -0.91
CA ILE A 3 2.81 -3.82 -1.15
C ILE A 3 1.90 -3.13 -0.14
N VAL A 4 2.32 -3.14 1.13
CA VAL A 4 1.55 -2.51 2.19
C VAL A 4 1.28 -1.05 1.88
N LYS A 5 2.33 -0.30 1.58
CA LYS A 5 2.21 1.12 1.26
C LYS A 5 1.26 1.33 0.10
N ARG A 6 1.33 0.44 -0.89
CA ARG A 6 0.47 0.53 -2.07
C ARG A 6 -0.99 0.35 -1.69
N PHE A 7 -1.26 -0.67 -0.87
CA PHE A 7 -2.62 -0.95 -0.43
C PHE A 7 -3.22 0.25 0.31
N LYS A 8 -2.56 0.66 1.38
CA LYS A 8 -3.02 1.80 2.17
C LYS A 8 -3.27 3.01 1.29
N ILE A 9 -2.44 3.17 0.27
CA ILE A 9 -2.57 4.30 -0.65
C ILE A 9 -3.80 4.14 -1.55
N LEU A 10 -3.87 3.00 -2.24
CA LEU A 10 -4.99 2.73 -3.13
C LEU A 10 -6.32 2.93 -2.41
N VAL A 11 -6.44 2.33 -1.22
CA VAL A 11 -7.66 2.44 -0.42
C VAL A 11 -7.83 3.86 0.11
N GLY A 1 8.63 -0.62 -1.60
CA GLY A 1 8.09 -0.37 -0.28
C GLY A 1 7.54 -1.61 0.38
N PHE A 2 6.21 -1.65 0.54
CA PHE A 2 5.56 -2.79 1.17
C PHE A 2 4.19 -3.05 0.54
N ILE A 3 3.81 -4.31 0.45
CA ILE A 3 2.53 -4.69 -0.13
C ILE A 3 1.38 -3.90 0.51
N VAL A 4 1.29 -3.96 1.83
CA VAL A 4 0.25 -3.27 2.57
C VAL A 4 0.35 -1.75 2.33
N LYS A 5 1.56 -1.23 2.36
CA LYS A 5 1.79 0.19 2.16
C LYS A 5 1.18 0.65 0.84
N ARG A 6 1.38 -0.14 -0.20
CA ARG A 6 0.85 0.18 -1.52
C ARG A 6 -0.68 0.18 -1.51
N PHE A 7 -1.25 -0.87 -0.97
CA PHE A 7 -2.71 -0.99 -0.90
C PHE A 7 -3.31 0.14 -0.07
N LYS A 8 -2.88 0.25 1.18
CA LYS A 8 -3.36 1.29 2.08
C LYS A 8 -3.27 2.66 1.42
N ILE A 9 -2.23 2.85 0.62
CA ILE A 9 -2.02 4.12 -0.07
C ILE A 9 -2.99 4.27 -1.24
N LEU A 10 -3.00 3.30 -2.14
CA LEU A 10 -3.88 3.33 -3.30
C LEU A 10 -5.32 3.59 -2.88
N VAL A 11 -5.78 2.82 -1.89
CA VAL A 11 -7.15 2.96 -1.38
C VAL A 11 -7.33 4.28 -0.65
N GLY A 1 8.73 -4.10 2.44
CA GLY A 1 7.46 -3.49 2.79
C GLY A 1 7.01 -2.47 1.76
N PHE A 2 6.48 -2.96 0.63
CA PHE A 2 6.01 -2.09 -0.43
C PHE A 2 4.51 -2.29 -0.69
N ILE A 3 4.07 -3.54 -0.57
CA ILE A 3 2.66 -3.87 -0.78
C ILE A 3 1.76 -3.02 0.11
N VAL A 4 1.97 -3.11 1.42
CA VAL A 4 1.17 -2.35 2.37
C VAL A 4 1.18 -0.86 2.03
N LYS A 5 2.25 -0.43 1.37
CA LYS A 5 2.39 0.97 0.99
C LYS A 5 1.40 1.34 -0.12
N ARG A 6 1.52 0.67 -1.27
CA ARG A 6 0.64 0.92 -2.40
C ARG A 6 -0.80 0.56 -2.05
N PHE A 7 -0.97 -0.47 -1.22
CA PHE A 7 -2.30 -0.92 -0.82
C PHE A 7 -2.99 0.14 0.03
N LYS A 8 -2.36 0.51 1.14
CA LYS A 8 -2.92 1.51 2.03
C LYS A 8 -3.29 2.79 1.27
N ILE A 9 -2.42 3.18 0.34
CA ILE A 9 -2.66 4.37 -0.46
C ILE A 9 -3.78 4.14 -1.47
N LEU A 10 -3.90 2.91 -1.94
CA LEU A 10 -4.94 2.57 -2.91
C LEU A 10 -6.32 2.70 -2.29
N VAL A 11 -6.44 2.34 -1.03
CA VAL A 11 -7.72 2.42 -0.32
C VAL A 11 -7.93 3.81 0.26
N GLY A 1 9.35 -1.69 -1.16
CA GLY A 1 8.56 -1.07 -0.12
C GLY A 1 7.74 -2.08 0.66
N PHE A 2 6.45 -2.16 0.34
CA PHE A 2 5.55 -3.10 1.02
C PHE A 2 4.15 -3.03 0.43
N ILE A 3 3.54 -4.19 0.25
CA ILE A 3 2.19 -4.26 -0.31
C ILE A 3 1.20 -3.50 0.56
N VAL A 4 1.21 -3.79 1.85
CA VAL A 4 0.31 -3.13 2.80
C VAL A 4 0.42 -1.61 2.68
N LYS A 5 1.62 -1.13 2.38
CA LYS A 5 1.86 0.30 2.25
C LYS A 5 1.20 0.85 0.98
N ARG A 6 1.59 0.32 -0.17
CA ARG A 6 1.03 0.75 -1.44
C ARG A 6 -0.49 0.60 -1.44
N PHE A 7 -0.96 -0.57 -1.02
CA PHE A 7 -2.39 -0.85 -0.98
C PHE A 7 -3.13 0.24 -0.20
N LYS A 8 -2.71 0.47 1.03
CA LYS A 8 -3.33 1.48 1.88
C LYS A 8 -3.42 2.82 1.15
N ILE A 9 -2.34 3.17 0.46
CA ILE A 9 -2.29 4.43 -0.28
C ILE A 9 -3.20 4.38 -1.50
N LEU A 10 -3.34 3.20 -2.10
CA LEU A 10 -4.18 3.03 -3.27
C LEU A 10 -5.66 3.09 -2.89
N VAL A 11 -5.99 2.54 -1.73
CA VAL A 11 -7.37 2.54 -1.25
C VAL A 11 -7.73 3.88 -0.60
N GLY A 1 6.85 -5.10 2.12
CA GLY A 1 6.82 -3.74 2.61
C GLY A 1 6.18 -2.78 1.64
N PHE A 2 6.74 -2.69 0.44
CA PHE A 2 6.21 -1.80 -0.59
C PHE A 2 4.72 -2.03 -0.80
N ILE A 3 4.30 -3.28 -0.65
CA ILE A 3 2.88 -3.63 -0.82
C ILE A 3 2.01 -2.88 0.17
N VAL A 4 2.33 -2.99 1.45
CA VAL A 4 1.58 -2.31 2.50
C VAL A 4 1.42 -0.82 2.18
N LYS A 5 2.43 -0.25 1.54
CA LYS A 5 2.40 1.17 1.19
C LYS A 5 1.39 1.42 0.07
N ARG A 6 1.60 0.79 -1.08
CA ARG A 6 0.71 0.95 -2.22
C ARG A 6 -0.73 0.61 -1.83
N PHE A 7 -0.90 -0.45 -1.05
CA PHE A 7 -2.22 -0.88 -0.61
C PHE A 7 -2.94 0.25 0.13
N LYS A 8 -2.30 0.75 1.19
CA LYS A 8 -2.87 1.83 2.00
C LYS A 8 -3.30 3.00 1.10
N ILE A 9 -2.42 3.38 0.18
CA ILE A 9 -2.70 4.48 -0.73
C ILE A 9 -3.82 4.13 -1.70
N LEU A 10 -3.91 2.85 -2.04
CA LEU A 10 -4.93 2.37 -2.97
C LEU A 10 -6.30 2.35 -2.28
N VAL A 11 -6.32 1.98 -1.01
CA VAL A 11 -7.57 1.92 -0.25
C VAL A 11 -7.93 3.29 0.31
N GLY A 1 8.75 -3.44 2.67
CA GLY A 1 7.34 -3.06 2.61
C GLY A 1 7.01 -2.29 1.34
N PHE A 2 6.30 -2.95 0.43
CA PHE A 2 5.91 -2.33 -0.83
C PHE A 2 4.41 -2.44 -1.05
N ILE A 3 3.88 -3.66 -0.92
CA ILE A 3 2.46 -3.90 -1.10
C ILE A 3 1.64 -3.23 -0.01
N VAL A 4 2.20 -3.17 1.19
CA VAL A 4 1.52 -2.55 2.33
C VAL A 4 1.25 -1.07 2.06
N LYS A 5 2.32 -0.31 1.82
CA LYS A 5 2.19 1.12 1.56
C LYS A 5 1.35 1.37 0.31
N ARG A 6 1.43 0.45 -0.66
CA ARG A 6 0.68 0.58 -1.89
C ARG A 6 -0.81 0.39 -1.65
N PHE A 7 -1.15 -0.69 -0.95
CA PHE A 7 -2.55 -0.99 -0.64
C PHE A 7 -3.20 0.18 0.10
N LYS A 8 -2.61 0.57 1.22
CA LYS A 8 -3.12 1.67 2.01
C LYS A 8 -3.36 2.91 1.15
N ILE A 9 -2.35 3.26 0.36
CA ILE A 9 -2.45 4.42 -0.52
C ILE A 9 -3.52 4.22 -1.59
N LEU A 10 -3.69 2.98 -2.03
CA LEU A 10 -4.69 2.65 -3.03
C LEU A 10 -6.10 2.75 -2.46
N VAL A 11 -6.26 2.33 -1.21
CA VAL A 11 -7.55 2.38 -0.55
C VAL A 11 -7.77 3.72 0.14
N GLY A 1 9.01 -4.00 2.08
CA GLY A 1 7.73 -3.48 2.55
C GLY A 1 7.18 -2.39 1.66
N PHE A 2 6.58 -2.80 0.54
CA PHE A 2 6.01 -1.84 -0.40
C PHE A 2 4.53 -2.15 -0.65
N ILE A 3 4.20 -3.44 -0.68
CA ILE A 3 2.82 -3.87 -0.91
C ILE A 3 1.86 -3.19 0.05
N VAL A 4 2.13 -3.35 1.35
CA VAL A 4 1.30 -2.75 2.38
C VAL A 4 1.12 -1.26 2.15
N LYS A 5 2.20 -0.60 1.72
CA LYS A 5 2.17 0.84 1.47
C LYS A 5 1.23 1.15 0.30
N ARG A 6 1.46 0.51 -0.84
CA ARG A 6 0.64 0.73 -2.02
C ARG A 6 -0.83 0.53 -1.71
N PHE A 7 -1.15 -0.60 -1.06
CA PHE A 7 -2.52 -0.91 -0.70
C PHE A 7 -3.16 0.25 0.06
N LYS A 8 -2.55 0.64 1.17
CA LYS A 8 -3.06 1.73 1.99
C LYS A 8 -3.32 2.96 1.13
N ILE A 9 -2.48 3.17 0.12
CA ILE A 9 -2.62 4.32 -0.77
C ILE A 9 -3.78 4.13 -1.74
N LEU A 10 -3.96 2.88 -2.19
CA LEU A 10 -5.03 2.56 -3.12
C LEU A 10 -6.40 2.76 -2.47
N VAL A 11 -6.44 2.57 -1.16
CA VAL A 11 -7.70 2.73 -0.41
C VAL A 11 -7.71 4.05 0.34
N GLY A 1 6.89 -3.97 2.73
CA GLY A 1 7.29 -2.57 2.78
C GLY A 1 6.76 -1.78 1.61
N PHE A 2 6.69 -2.42 0.44
CA PHE A 2 6.20 -1.76 -0.76
C PHE A 2 4.76 -2.18 -1.06
N ILE A 3 4.44 -3.43 -0.79
CA ILE A 3 3.10 -3.95 -1.03
C ILE A 3 2.08 -3.29 -0.10
N VAL A 4 2.29 -3.43 1.20
CA VAL A 4 1.40 -2.85 2.19
C VAL A 4 1.20 -1.36 1.94
N LYS A 5 2.28 -0.69 1.54
CA LYS A 5 2.23 0.75 1.27
C LYS A 5 1.31 1.04 0.10
N ARG A 6 1.39 0.21 -0.94
CA ARG A 6 0.56 0.38 -2.12
C ARG A 6 -0.92 0.21 -1.78
N PHE A 7 -1.22 -0.77 -0.93
CA PHE A 7 -2.60 -1.03 -0.53
C PHE A 7 -3.18 0.16 0.22
N LYS A 8 -2.54 0.54 1.31
CA LYS A 8 -2.99 1.68 2.12
C LYS A 8 -3.19 2.91 1.25
N ILE A 9 -2.33 3.07 0.26
CA ILE A 9 -2.40 4.22 -0.64
C ILE A 9 -3.56 4.07 -1.61
N LEU A 10 -3.81 2.84 -2.04
CA LEU A 10 -4.90 2.56 -2.98
C LEU A 10 -6.25 2.83 -2.33
N VAL A 11 -6.32 2.66 -1.02
CA VAL A 11 -7.56 2.89 -0.28
C VAL A 11 -7.65 4.33 0.22
N GLY A 1 6.55 -4.52 2.70
CA GLY A 1 6.86 -3.11 2.77
C GLY A 1 6.23 -2.31 1.65
N PHE A 2 6.76 -2.48 0.45
CA PHE A 2 6.24 -1.76 -0.72
C PHE A 2 4.77 -2.09 -0.94
N ILE A 3 4.43 -3.37 -0.85
CA ILE A 3 3.05 -3.82 -1.04
C ILE A 3 2.11 -3.13 -0.04
N VAL A 4 2.42 -3.28 1.24
CA VAL A 4 1.60 -2.67 2.28
C VAL A 4 1.38 -1.18 2.03
N LYS A 5 2.43 -0.51 1.55
CA LYS A 5 2.36 0.91 1.26
C LYS A 5 1.36 1.19 0.14
N ARG A 6 1.53 0.48 -0.98
CA ARG A 6 0.64 0.66 -2.13
C ARG A 6 -0.82 0.51 -1.71
N PHE A 7 -1.13 -0.59 -1.03
CA PHE A 7 -2.48 -0.85 -0.57
C PHE A 7 -3.05 0.35 0.20
N LYS A 8 -2.33 0.76 1.24
CA LYS A 8 -2.75 1.90 2.06
C LYS A 8 -3.06 3.10 1.18
N ILE A 9 -2.31 3.25 0.09
CA ILE A 9 -2.52 4.37 -0.82
C ILE A 9 -3.69 4.11 -1.75
N LEU A 10 -3.93 2.85 -2.07
CA LEU A 10 -5.02 2.46 -2.95
C LEU A 10 -6.36 2.58 -2.22
N VAL A 11 -6.38 2.19 -0.96
CA VAL A 11 -7.59 2.25 -0.15
C VAL A 11 -7.87 3.67 0.32
#